data_1NML
#
_entry.id   1NML
#
_cell.length_a   114.457
_cell.length_b   114.457
_cell.length_c   90.658
_cell.angle_alpha   90.00
_cell.angle_beta   90.00
_cell.angle_gamma   120.00
#
_symmetry.space_group_name_H-M   'P 31 2 1'
#
loop_
_entity.id
_entity.type
_entity.pdbx_description
1 polymer 'di-haem cytochrome c peroxidase'
2 non-polymer 'HEME C'
3 non-polymer 'CITRIC ACID'
4 water water
#
_entity_poly.entity_id   1
_entity_poly.type   'polypeptide(L)'
_entity_poly.pdbx_seq_one_letter_code
;DNLMERANSMFEPIPKYPPVIDGNELTQAKVELGKMEFFEPRLSSSHLISCNTCHNVGLGGDDELPTSIGHGWQKGPRNS
PTVFNAVFNAAQFWDGRAADLAEQAKGPVQAGVEMSSTPDRVVATLKSMPEYIERFEDAFPGQENPVTFDNMAVAIEAYE
ATLITPEAPFDKYLRGDTSALNESEKEGLALFMDRGCTACHSGVNLGGQNYYPFGLVAKPGAEILPEGDKGRFSVTETAS
DEYVFRASPLRNIELTAPYFHSGAVWSLEEAVAVMGTAQLGTELNNDEVKSIVAFLKTLTGNVPEVTYPVLPPSTANTPK
PVDMIP
;
_entity_poly.pdbx_strand_id   A
#
loop_
_chem_comp.id
_chem_comp.type
_chem_comp.name
_chem_comp.formula
CIT non-polymer 'CITRIC ACID' 'C6 H8 O7'
HEC non-polymer 'HEME C' 'C34 H34 Fe N4 O4'
#
# COMPACT_ATOMS: atom_id res chain seq x y z
N ASP A 1 16.20 -13.90 24.03
CA ASP A 1 14.76 -14.03 24.43
C ASP A 1 14.06 -15.03 23.54
N ASN A 2 13.19 -15.85 24.11
CA ASN A 2 12.44 -16.80 23.30
C ASN A 2 11.38 -16.01 22.54
N LEU A 3 10.86 -14.95 23.15
CA LEU A 3 9.85 -14.11 22.51
C LEU A 3 10.46 -13.48 21.26
N MET A 4 11.69 -13.00 21.39
CA MET A 4 12.39 -12.37 20.28
C MET A 4 12.70 -13.41 19.23
N GLU A 5 13.01 -14.63 19.67
CA GLU A 5 13.31 -15.73 18.77
C GLU A 5 12.05 -16.14 18.01
N ARG A 6 10.92 -16.21 18.72
CA ARG A 6 9.66 -16.57 18.06
C ARG A 6 9.30 -15.48 17.06
N ALA A 7 9.31 -14.23 17.52
CA ALA A 7 9.00 -13.10 16.66
C ALA A 7 9.83 -13.16 15.39
N ASN A 8 11.11 -13.47 15.51
CA ASN A 8 11.96 -13.56 14.33
C ASN A 8 11.63 -14.72 13.41
N SER A 9 10.90 -15.72 13.92
CA SER A 9 10.56 -16.85 13.07
C SER A 9 9.26 -16.58 12.31
N MET A 10 8.45 -15.65 12.79
CA MET A 10 7.17 -15.30 12.16
C MET A 10 7.25 -14.03 11.32
N PHE A 11 8.12 -13.10 11.73
CA PHE A 11 8.23 -11.82 11.03
C PHE A 11 9.64 -11.48 10.58
N GLU A 12 9.76 -10.32 9.93
CA GLU A 12 11.04 -9.81 9.43
C GLU A 12 10.99 -8.30 9.42
N PRO A 13 12.15 -7.65 9.59
CA PRO A 13 12.26 -6.19 9.59
C PRO A 13 12.37 -5.69 8.14
N ILE A 14 12.02 -4.42 7.93
CA ILE A 14 12.11 -3.79 6.60
C ILE A 14 13.60 -3.60 6.31
N PRO A 15 14.10 -4.13 5.18
CA PRO A 15 15.52 -4.01 4.82
C PRO A 15 15.86 -2.61 4.33
N LYS A 16 17.14 -2.32 4.17
CA LYS A 16 17.55 -1.00 3.68
C LYS A 16 17.15 -0.73 2.23
N TYR A 17 17.23 -1.77 1.38
CA TYR A 17 16.85 -1.64 -0.02
C TYR A 17 15.67 -2.55 -0.34
N PRO A 18 14.82 -2.14 -1.29
CA PRO A 18 13.65 -2.95 -1.68
C PRO A 18 14.03 -4.09 -2.62
N PRO A 19 13.22 -5.15 -2.67
CA PRO A 19 13.55 -6.27 -3.56
C PRO A 19 13.28 -5.81 -4.99
N VAL A 20 14.07 -6.31 -5.94
CA VAL A 20 13.92 -5.94 -7.34
C VAL A 20 12.65 -6.63 -7.84
N ILE A 21 11.78 -5.85 -8.46
CA ILE A 21 10.52 -6.39 -8.96
C ILE A 21 10.57 -6.50 -10.48
N ASP A 22 10.31 -7.71 -10.99
CA ASP A 22 10.33 -7.99 -12.43
C ASP A 22 11.59 -7.46 -13.11
N GLY A 23 12.73 -7.65 -12.46
CA GLY A 23 13.98 -7.18 -13.03
C GLY A 23 14.16 -5.69 -13.19
N ASN A 24 13.31 -4.90 -12.53
CA ASN A 24 13.38 -3.44 -12.62
C ASN A 24 14.47 -2.92 -11.67
N GLU A 25 15.71 -2.88 -12.16
CA GLU A 25 16.84 -2.40 -11.35
C GLU A 25 16.72 -0.89 -11.15
N LEU A 26 16.76 -0.46 -9.89
CA LEU A 26 16.62 0.96 -9.57
C LEU A 26 17.83 1.82 -9.90
N THR A 27 17.58 2.97 -10.51
CA THR A 27 18.64 3.91 -10.82
C THR A 27 18.12 5.27 -10.42
N GLN A 28 19.05 6.19 -10.20
CA GLN A 28 18.70 7.55 -9.81
C GLN A 28 17.76 8.18 -10.84
N ALA A 29 18.06 8.01 -12.13
CA ALA A 29 17.25 8.59 -13.19
C ALA A 29 15.84 8.02 -13.27
N LYS A 30 15.70 6.71 -13.08
CA LYS A 30 14.37 6.11 -13.13
C LYS A 30 13.54 6.55 -11.93
N VAL A 31 14.14 6.53 -10.75
CA VAL A 31 13.44 6.90 -9.52
C VAL A 31 12.99 8.36 -9.57
N GLU A 32 13.87 9.25 -10.05
CA GLU A 32 13.54 10.67 -10.15
C GLU A 32 12.37 10.88 -11.12
N LEU A 33 12.41 10.19 -12.26
CA LEU A 33 11.32 10.31 -13.22
C LEU A 33 10.03 9.76 -12.63
N GLY A 34 10.15 8.63 -11.92
CA GLY A 34 8.98 8.02 -11.31
C GLY A 34 8.36 8.94 -10.26
N LYS A 35 9.20 9.66 -9.51
CA LYS A 35 8.71 10.60 -8.49
C LYS A 35 7.95 11.73 -9.18
N MET A 36 8.51 12.28 -10.25
CA MET A 36 7.83 13.36 -10.97
C MET A 36 6.44 12.89 -11.38
N GLU A 37 6.36 11.67 -11.92
CA GLU A 37 5.10 11.13 -12.37
C GLU A 37 4.13 10.84 -11.24
N PHE A 38 4.67 10.40 -10.10
CA PHE A 38 3.84 10.10 -8.95
C PHE A 38 3.05 11.37 -8.53
N PHE A 39 3.68 12.54 -8.67
CA PHE A 39 3.04 13.79 -8.31
C PHE A 39 2.47 14.55 -9.51
N GLU A 40 2.52 13.94 -10.70
CA GLU A 40 2.05 14.60 -11.91
C GLU A 40 0.54 14.48 -12.07
N PRO A 41 -0.19 15.61 -11.92
CA PRO A 41 -1.66 15.62 -12.04
C PRO A 41 -2.21 15.65 -13.46
N ARG A 42 -1.35 15.96 -14.43
CA ARG A 42 -1.80 16.04 -15.80
C ARG A 42 -2.01 14.69 -16.51
N LEU A 43 -1.79 13.59 -15.80
CA LEU A 43 -2.02 12.27 -16.38
C LEU A 43 -3.51 11.97 -16.29
N SER A 44 -4.21 12.65 -15.39
CA SER A 44 -5.65 12.45 -15.23
C SER A 44 -6.34 13.31 -16.29
N SER A 45 -7.52 12.90 -16.75
CA SER A 45 -8.23 13.66 -17.77
C SER A 45 -8.60 15.05 -17.27
N SER A 46 -8.90 15.17 -15.99
CA SER A 46 -9.27 16.45 -15.38
C SER A 46 -8.06 17.30 -15.02
N HIS A 47 -6.89 16.68 -14.96
CA HIS A 47 -5.64 17.35 -14.59
C HIS A 47 -5.67 17.78 -13.13
N LEU A 48 -6.60 17.24 -12.36
CA LEU A 48 -6.70 17.59 -10.95
C LEU A 48 -6.22 16.48 -10.02
N ILE A 49 -5.95 15.30 -10.58
CA ILE A 49 -5.57 14.14 -9.78
C ILE A 49 -4.20 13.51 -10.11
N SER A 50 -3.45 13.16 -9.08
CA SER A 50 -2.15 12.50 -9.26
C SER A 50 -2.14 11.31 -8.29
N CYS A 51 -1.11 10.48 -8.32
CA CYS A 51 -1.03 9.34 -7.41
C CYS A 51 -1.07 9.85 -5.97
N ASN A 52 -0.34 10.92 -5.71
CA ASN A 52 -0.26 11.48 -4.37
C ASN A 52 -1.61 11.92 -3.83
N THR A 53 -2.52 12.27 -4.73
CA THR A 53 -3.87 12.66 -4.32
C THR A 53 -4.50 11.54 -3.48
N CYS A 54 -4.33 10.29 -3.90
CA CYS A 54 -4.93 9.18 -3.15
C CYS A 54 -3.97 8.38 -2.28
N HIS A 55 -2.67 8.61 -2.46
CA HIS A 55 -1.64 7.92 -1.68
C HIS A 55 -0.68 9.01 -1.18
N ASN A 56 -1.21 9.89 -0.33
CA ASN A 56 -0.46 11.03 0.20
C ASN A 56 0.74 10.57 0.99
N VAL A 57 1.93 10.74 0.43
CA VAL A 57 3.13 10.30 1.12
C VAL A 57 3.47 11.08 2.36
N GLY A 58 2.69 12.10 2.68
CA GLY A 58 2.94 12.87 3.87
C GLY A 58 1.91 12.51 4.93
N LEU A 59 0.90 11.75 4.51
CA LEU A 59 -0.14 11.37 5.42
C LEU A 59 -0.56 9.91 5.31
N GLY A 60 0.38 9.00 5.56
CA GLY A 60 0.05 7.58 5.52
C GLY A 60 0.12 6.82 4.19
N GLY A 61 0.36 7.53 3.09
CA GLY A 61 0.45 6.88 1.80
C GLY A 61 -0.87 6.37 1.27
N ASP A 62 -1.96 6.82 1.86
CA ASP A 62 -3.28 6.39 1.43
C ASP A 62 -4.26 7.56 1.40
N ASP A 63 -5.54 7.27 1.28
CA ASP A 63 -6.58 8.29 1.18
C ASP A 63 -7.49 8.25 2.39
N GLU A 64 -7.96 9.41 2.81
CA GLU A 64 -8.82 9.45 3.98
C GLU A 64 -10.27 9.09 3.69
N LEU A 65 -10.69 9.22 2.44
CA LEU A 65 -12.06 8.90 2.09
C LEU A 65 -12.17 7.84 0.99
N PRO A 66 -13.12 6.90 1.14
CA PRO A 66 -13.33 5.84 0.14
C PRO A 66 -13.55 6.52 -1.20
N THR A 67 -13.14 5.87 -2.28
CA THR A 67 -13.31 6.46 -3.60
C THR A 67 -13.76 5.43 -4.63
N SER A 68 -14.37 5.92 -5.71
CA SER A 68 -14.87 5.08 -6.79
C SER A 68 -14.02 5.19 -8.04
N ILE A 69 -13.02 6.07 -8.01
CA ILE A 69 -12.17 6.23 -9.18
C ILE A 69 -10.73 5.80 -8.97
N GLY A 70 -9.94 5.89 -10.04
CA GLY A 70 -8.55 5.48 -9.99
C GLY A 70 -8.43 4.05 -10.49
N HIS A 71 -7.33 3.76 -11.19
CA HIS A 71 -7.06 2.43 -11.73
C HIS A 71 -8.17 1.85 -12.60
N GLY A 72 -8.81 2.70 -13.40
CA GLY A 72 -9.88 2.25 -14.26
C GLY A 72 -10.98 1.48 -13.54
N TRP A 73 -11.18 1.78 -12.26
CA TRP A 73 -12.21 1.13 -11.47
C TRP A 73 -13.59 1.58 -11.94
N GLN A 74 -14.52 0.63 -12.06
CA GLN A 74 -15.86 0.94 -12.53
C GLN A 74 -16.98 0.56 -11.56
N LYS A 75 -16.62 0.14 -10.35
CA LYS A 75 -17.65 -0.24 -9.39
C LYS A 75 -17.85 0.75 -8.25
N GLY A 76 -18.33 0.25 -7.12
CA GLY A 76 -18.57 1.10 -5.97
C GLY A 76 -17.32 1.62 -5.30
N PRO A 77 -17.47 2.54 -4.34
CA PRO A 77 -16.30 3.09 -3.64
C PRO A 77 -15.61 2.05 -2.76
N ARG A 78 -14.30 2.18 -2.63
CA ARG A 78 -13.54 1.27 -1.80
C ARG A 78 -12.44 2.07 -1.12
N ASN A 79 -11.86 1.52 -0.06
CA ASN A 79 -10.79 2.17 0.69
C ASN A 79 -9.51 2.07 -0.13
N SER A 80 -8.53 2.91 0.16
CA SER A 80 -7.27 2.84 -0.56
C SER A 80 -6.17 2.33 0.36
N PRO A 81 -5.35 1.40 -0.13
CA PRO A 81 -4.24 0.83 0.63
C PRO A 81 -3.10 1.84 0.60
N THR A 82 -2.12 1.66 1.48
CA THR A 82 -0.99 2.56 1.53
C THR A 82 0.06 2.11 0.52
N VAL A 83 0.79 3.05 -0.06
CA VAL A 83 1.86 2.67 -0.97
C VAL A 83 3.09 2.28 -0.16
N PHE A 84 3.12 2.68 1.11
CA PHE A 84 4.27 2.34 1.94
C PHE A 84 4.49 0.83 2.08
N ASN A 85 5.67 0.38 1.68
CA ASN A 85 6.05 -1.03 1.77
C ASN A 85 5.21 -1.96 0.90
N ALA A 86 4.43 -1.39 -0.01
CA ALA A 86 3.56 -2.19 -0.87
C ALA A 86 4.41 -3.18 -1.69
N VAL A 87 5.63 -2.76 -1.99
CA VAL A 87 6.54 -3.58 -2.76
C VAL A 87 6.82 -4.96 -2.14
N PHE A 88 6.64 -5.10 -0.82
CA PHE A 88 6.90 -6.40 -0.18
C PHE A 88 5.70 -7.33 -0.18
N ASN A 89 4.53 -6.84 -0.61
CA ASN A 89 3.34 -7.67 -0.62
C ASN A 89 3.23 -8.49 -1.91
N ALA A 90 2.98 -9.80 -1.78
CA ALA A 90 2.82 -10.65 -2.98
C ALA A 90 1.39 -10.50 -3.47
N ALA A 91 0.45 -10.31 -2.55
CA ALA A 91 -0.94 -10.15 -2.93
C ALA A 91 -1.22 -8.66 -3.01
N GLN A 92 -2.25 -8.27 -3.76
CA GLN A 92 -2.62 -6.87 -3.87
C GLN A 92 -3.96 -6.65 -3.18
N PHE A 93 -4.27 -5.39 -2.92
CA PHE A 93 -5.55 -5.02 -2.31
C PHE A 93 -6.62 -5.70 -3.17
N TRP A 94 -7.58 -6.35 -2.53
CA TRP A 94 -8.65 -6.98 -3.28
C TRP A 94 -9.95 -6.83 -2.55
N ASP A 95 -10.94 -6.38 -3.31
CA ASP A 95 -12.27 -6.15 -2.81
C ASP A 95 -13.18 -6.61 -3.94
N GLY A 96 -13.28 -7.93 -4.10
CA GLY A 96 -14.09 -8.49 -5.16
C GLY A 96 -14.13 -10.00 -5.21
N ARG A 97 -14.53 -10.51 -6.37
CA ARG A 97 -14.66 -11.93 -6.60
C ARG A 97 -13.36 -12.72 -6.67
N ALA A 98 -13.34 -13.83 -5.94
CA ALA A 98 -12.19 -14.71 -5.90
C ALA A 98 -11.96 -15.26 -7.30
N ALA A 99 -13.07 -15.46 -8.02
CA ALA A 99 -13.00 -15.99 -9.38
C ALA A 99 -12.26 -15.07 -10.34
N ASP A 100 -12.21 -13.78 -10.02
CA ASP A 100 -11.52 -12.81 -10.89
C ASP A 100 -10.03 -12.67 -10.67
N LEU A 101 -9.53 -13.21 -9.56
CA LEU A 101 -8.11 -13.12 -9.23
C LEU A 101 -7.17 -13.62 -10.32
N ALA A 102 -7.41 -14.84 -10.77
CA ALA A 102 -6.58 -15.47 -11.79
C ALA A 102 -6.18 -14.56 -12.95
N GLU A 103 -7.16 -13.94 -13.59
CA GLU A 103 -6.87 -13.09 -14.73
C GLU A 103 -6.63 -11.61 -14.42
N GLN A 104 -7.26 -11.10 -13.37
CA GLN A 104 -7.13 -9.68 -13.05
C GLN A 104 -6.13 -9.22 -11.98
N ALA A 105 -5.75 -10.10 -11.06
CA ALA A 105 -4.82 -9.69 -10.02
C ALA A 105 -3.37 -9.66 -10.47
N LYS A 106 -2.58 -8.82 -9.80
CA LYS A 106 -1.16 -8.71 -10.07
C LYS A 106 -0.48 -8.16 -8.82
N GLY A 107 0.84 -8.02 -8.87
CA GLY A 107 1.54 -7.51 -7.73
C GLY A 107 1.12 -6.06 -7.47
N PRO A 108 1.24 -5.57 -6.22
CA PRO A 108 0.86 -4.21 -5.84
C PRO A 108 1.50 -3.16 -6.74
N VAL A 109 2.81 -3.29 -6.92
CA VAL A 109 3.57 -2.36 -7.74
C VAL A 109 3.00 -2.25 -9.14
N GLN A 110 2.65 -3.39 -9.73
CA GLN A 110 2.07 -3.41 -11.07
C GLN A 110 0.61 -2.92 -11.06
N ALA A 111 -0.14 -3.29 -10.02
CA ALA A 111 -1.53 -2.86 -9.93
C ALA A 111 -1.57 -1.33 -9.84
N GLY A 112 -0.53 -0.78 -9.22
CA GLY A 112 -0.45 0.66 -9.07
C GLY A 112 -0.39 1.44 -10.37
N VAL A 113 0.12 0.83 -11.43
CA VAL A 113 0.22 1.54 -12.70
C VAL A 113 -0.93 1.25 -13.66
N GLU A 114 -1.98 0.62 -13.15
CA GLU A 114 -3.18 0.39 -13.95
C GLU A 114 -3.79 1.79 -13.94
N MET A 115 -4.09 2.34 -15.12
CA MET A 115 -4.65 3.69 -15.19
C MET A 115 -6.01 3.82 -15.84
N SER A 116 -6.70 4.91 -15.51
CA SER A 116 -8.02 5.20 -16.06
C SER A 116 -7.85 5.91 -17.40
N SER A 117 -6.83 6.77 -17.50
CA SER A 117 -6.56 7.50 -18.74
C SER A 117 -5.98 6.52 -19.77
N THR A 118 -6.29 6.75 -21.04
CA THR A 118 -5.80 5.88 -22.10
C THR A 118 -4.32 6.10 -22.31
N PRO A 119 -3.62 5.06 -22.78
CA PRO A 119 -2.18 5.16 -23.02
C PRO A 119 -1.79 6.28 -23.98
N ASP A 120 -2.57 6.45 -25.05
CA ASP A 120 -2.25 7.50 -26.02
C ASP A 120 -2.34 8.89 -25.43
N ARG A 121 -3.33 9.11 -24.58
CA ARG A 121 -3.49 10.41 -23.94
C ARG A 121 -2.26 10.71 -23.07
N VAL A 122 -1.87 9.74 -22.25
CA VAL A 122 -0.74 9.88 -21.36
C VAL A 122 0.56 10.15 -22.10
N VAL A 123 0.87 9.32 -23.08
CA VAL A 123 2.10 9.50 -23.86
C VAL A 123 2.12 10.86 -24.54
N ALA A 124 0.99 11.26 -25.13
CA ALA A 124 0.93 12.55 -25.82
C ALA A 124 1.20 13.67 -24.82
N THR A 125 0.64 13.55 -23.62
CA THR A 125 0.84 14.56 -22.59
C THR A 125 2.32 14.64 -22.24
N LEU A 126 2.92 13.49 -21.95
CA LEU A 126 4.34 13.47 -21.60
C LEU A 126 5.23 13.96 -22.74
N LYS A 127 4.91 13.60 -23.98
CA LYS A 127 5.74 14.06 -25.11
C LYS A 127 5.62 15.55 -25.40
N SER A 128 4.52 16.16 -24.94
CA SER A 128 4.32 17.59 -25.17
C SER A 128 5.28 18.47 -24.38
N MET A 129 6.03 17.87 -23.45
CA MET A 129 6.95 18.67 -22.64
C MET A 129 8.41 18.25 -22.78
N PRO A 130 9.24 19.13 -23.35
CA PRO A 130 10.65 18.83 -23.53
C PRO A 130 11.35 18.19 -22.34
N GLU A 131 11.15 18.74 -21.14
CA GLU A 131 11.81 18.18 -19.95
C GLU A 131 11.44 16.73 -19.69
N TYR A 132 10.20 16.34 -19.96
CA TYR A 132 9.85 14.94 -19.73
C TYR A 132 10.60 14.05 -20.71
N ILE A 133 10.76 14.52 -21.95
CA ILE A 133 11.47 13.73 -22.94
C ILE A 133 12.89 13.52 -22.45
N GLU A 134 13.53 14.58 -21.95
CA GLU A 134 14.89 14.47 -21.43
C GLU A 134 14.98 13.53 -20.25
N ARG A 135 13.97 13.57 -19.37
CA ARG A 135 13.98 12.70 -18.19
C ARG A 135 13.83 11.24 -18.63
N PHE A 136 13.02 11.01 -19.65
CA PHE A 136 12.86 9.65 -20.15
C PHE A 136 14.17 9.20 -20.81
N GLU A 137 14.83 10.09 -21.53
CA GLU A 137 16.11 9.75 -22.14
C GLU A 137 17.12 9.41 -21.07
N ASP A 138 17.13 10.17 -19.97
CA ASP A 138 18.06 9.90 -18.87
C ASP A 138 17.79 8.55 -18.21
N ALA A 139 16.52 8.20 -18.09
CA ALA A 139 16.12 6.97 -17.42
C ALA A 139 16.24 5.73 -18.29
N PHE A 140 16.06 5.90 -19.60
CA PHE A 140 16.13 4.78 -20.51
C PHE A 140 17.19 5.01 -21.61
N PRO A 141 18.46 5.04 -21.21
CA PRO A 141 19.57 5.26 -22.15
C PRO A 141 19.60 4.14 -23.19
N GLY A 142 19.85 4.50 -24.44
CA GLY A 142 19.93 3.52 -25.51
C GLY A 142 18.64 3.28 -26.26
N GLN A 143 17.53 3.79 -25.75
CA GLN A 143 16.23 3.63 -26.40
C GLN A 143 15.89 4.86 -27.27
N GLU A 144 15.63 4.63 -28.55
CA GLU A 144 15.34 5.70 -29.52
C GLU A 144 14.06 6.51 -29.27
N ASN A 145 13.01 5.83 -28.82
CA ASN A 145 11.73 6.47 -28.51
C ASN A 145 11.40 6.03 -27.07
N PRO A 146 12.12 6.61 -26.10
CA PRO A 146 11.94 6.29 -24.68
C PRO A 146 10.61 6.63 -24.04
N VAL A 147 9.89 7.61 -24.57
CA VAL A 147 8.60 7.97 -23.97
C VAL A 147 7.47 7.06 -24.41
N THR A 148 7.26 5.98 -23.66
CA THR A 148 6.19 5.04 -23.98
C THR A 148 5.42 4.76 -22.70
N PHE A 149 4.21 4.21 -22.84
CA PHE A 149 3.40 3.90 -21.68
C PHE A 149 4.14 2.88 -20.79
N ASP A 150 4.76 1.89 -21.40
CA ASP A 150 5.48 0.88 -20.62
C ASP A 150 6.65 1.46 -19.84
N ASN A 151 7.42 2.34 -20.47
CA ASN A 151 8.55 2.96 -19.78
C ASN A 151 8.03 3.87 -18.65
N MET A 152 6.90 4.51 -18.87
CA MET A 152 6.31 5.36 -17.83
C MET A 152 6.00 4.48 -16.64
N ALA A 153 5.38 3.33 -16.92
CA ALA A 153 5.01 2.37 -15.89
C ALA A 153 6.24 1.84 -15.13
N VAL A 154 7.33 1.59 -15.86
CA VAL A 154 8.55 1.10 -15.24
C VAL A 154 9.15 2.16 -14.30
N ALA A 155 9.18 3.42 -14.74
CA ALA A 155 9.72 4.50 -13.88
C ALA A 155 8.86 4.68 -12.62
N ILE A 156 7.54 4.66 -12.77
CA ILE A 156 6.69 4.81 -11.58
C ILE A 156 6.93 3.63 -10.62
N GLU A 157 7.03 2.41 -11.17
CA GLU A 157 7.27 1.21 -10.36
C GLU A 157 8.60 1.29 -9.62
N ALA A 158 9.58 1.92 -10.26
CA ALA A 158 10.88 2.10 -9.63
C ALA A 158 10.70 3.01 -8.41
N TYR A 159 9.96 4.10 -8.58
CA TYR A 159 9.72 5.02 -7.45
C TYR A 159 8.90 4.31 -6.36
N GLU A 160 7.87 3.56 -6.76
CA GLU A 160 7.04 2.84 -5.78
C GLU A 160 7.91 1.94 -4.90
N ALA A 161 8.90 1.30 -5.51
CA ALA A 161 9.76 0.39 -4.77
C ALA A 161 10.55 1.09 -3.68
N THR A 162 10.79 2.39 -3.84
CA THR A 162 11.57 3.14 -2.84
C THR A 162 10.73 3.60 -1.65
N LEU A 163 9.41 3.48 -1.74
CA LEU A 163 8.55 3.92 -0.65
C LEU A 163 8.44 2.89 0.46
N ILE A 164 9.56 2.66 1.16
CA ILE A 164 9.59 1.72 2.26
C ILE A 164 9.95 2.49 3.55
N THR A 165 9.58 1.92 4.70
CA THR A 165 9.79 2.60 5.97
C THR A 165 10.57 1.80 7.00
N PRO A 166 11.90 1.87 6.94
CA PRO A 166 12.71 1.11 7.90
C PRO A 166 12.78 1.72 9.30
N GLU A 167 13.41 0.98 10.20
CA GLU A 167 13.65 1.40 11.59
C GLU A 167 12.50 1.58 12.56
N ALA A 168 11.39 0.87 12.38
CA ALA A 168 10.32 0.97 13.34
C ALA A 168 10.85 0.32 14.65
N PRO A 169 10.30 0.71 15.80
CA PRO A 169 10.75 0.12 17.08
C PRO A 169 10.75 -1.41 17.02
N PHE A 170 9.70 -1.99 16.44
CA PHE A 170 9.58 -3.43 16.32
C PHE A 170 10.73 -4.03 15.49
N ASP A 171 11.14 -3.34 14.44
CA ASP A 171 12.24 -3.85 13.62
C ASP A 171 13.54 -3.83 14.44
N LYS A 172 13.72 -2.80 15.25
CA LYS A 172 14.92 -2.70 16.09
C LYS A 172 14.92 -3.88 17.07
N TYR A 173 13.73 -4.19 17.59
CA TYR A 173 13.56 -5.30 18.51
C TYR A 173 13.96 -6.59 17.78
N LEU A 174 13.37 -6.82 16.62
CA LEU A 174 13.71 -8.02 15.85
C LEU A 174 15.20 -8.13 15.66
N ARG A 175 15.85 -6.99 15.41
CA ARG A 175 17.29 -7.00 15.19
C ARG A 175 18.14 -7.17 16.45
N GLY A 176 17.50 -7.28 17.61
CA GLY A 176 18.26 -7.49 18.84
C GLY A 176 18.11 -6.48 19.97
N ASP A 177 17.55 -5.32 19.68
CA ASP A 177 17.38 -4.29 20.71
C ASP A 177 16.21 -4.65 21.61
N THR A 178 16.49 -5.50 22.59
CA THR A 178 15.48 -5.96 23.53
C THR A 178 14.71 -4.84 24.22
N SER A 179 15.31 -3.67 24.31
CA SER A 179 14.65 -2.54 24.96
C SER A 179 13.75 -1.71 24.03
N ALA A 180 13.78 -2.03 22.74
CA ALA A 180 12.97 -1.31 21.74
C ALA A 180 11.48 -1.31 22.09
N LEU A 181 11.02 -2.38 22.75
CA LEU A 181 9.63 -2.49 23.15
C LEU A 181 9.50 -2.54 24.66
N ASN A 182 8.50 -1.88 25.24
CA ASN A 182 8.32 -1.94 26.68
C ASN A 182 7.51 -3.19 26.98
N GLU A 183 7.36 -3.51 28.25
CA GLU A 183 6.64 -4.72 28.65
C GLU A 183 5.23 -4.81 28.10
N SER A 184 4.51 -3.69 28.11
CA SER A 184 3.16 -3.67 27.59
C SER A 184 3.08 -4.06 26.11
N GLU A 185 4.07 -3.62 25.34
CA GLU A 185 4.10 -3.90 23.90
C GLU A 185 4.56 -5.33 23.66
N LYS A 186 5.42 -5.85 24.54
CA LYS A 186 5.89 -7.21 24.39
C LYS A 186 4.76 -8.19 24.71
N GLU A 187 3.86 -7.78 25.61
CA GLU A 187 2.72 -8.61 25.96
C GLU A 187 1.82 -8.66 24.73
N GLY A 188 1.70 -7.52 24.06
CA GLY A 188 0.87 -7.46 22.85
C GLY A 188 1.44 -8.37 21.77
N LEU A 189 2.76 -8.38 21.65
CA LEU A 189 3.43 -9.22 20.65
C LEU A 189 3.20 -10.70 20.92
N ALA A 190 3.33 -11.10 22.19
CA ALA A 190 3.12 -12.49 22.56
C ALA A 190 1.68 -12.90 22.27
N LEU A 191 0.73 -12.02 22.57
CA LEU A 191 -0.67 -12.30 22.34
C LEU A 191 -1.00 -12.40 20.84
N PHE A 192 -0.39 -11.51 20.05
CA PHE A 192 -0.61 -11.49 18.61
C PHE A 192 -0.23 -12.86 18.06
N MET A 193 0.88 -13.41 18.56
CA MET A 193 1.35 -14.72 18.13
C MET A 193 0.60 -15.89 18.78
N ASP A 194 0.21 -15.74 20.05
CA ASP A 194 -0.49 -16.80 20.77
C ASP A 194 -1.97 -16.94 20.41
N ARG A 195 -2.59 -15.84 19.97
CA ARG A 195 -4.00 -15.90 19.61
C ARG A 195 -4.23 -16.23 18.11
N GLY A 196 -3.17 -16.58 17.41
CA GLY A 196 -3.28 -16.96 16.01
C GLY A 196 -3.45 -15.89 14.94
N CYS A 197 -3.17 -14.62 15.24
CA CYS A 197 -3.31 -13.56 14.24
C CYS A 197 -2.32 -13.83 13.12
N THR A 198 -1.21 -14.47 13.47
CA THR A 198 -0.17 -14.79 12.53
C THR A 198 -0.57 -15.80 11.46
N ALA A 199 -1.76 -16.39 11.60
CA ALA A 199 -2.20 -17.36 10.58
C ALA A 199 -2.36 -16.58 9.28
N CYS A 200 -2.74 -15.32 9.39
CA CYS A 200 -2.94 -14.48 8.21
C CYS A 200 -2.06 -13.23 8.12
N HIS A 201 -1.58 -12.73 9.26
CA HIS A 201 -0.76 -11.51 9.29
C HIS A 201 0.64 -11.87 9.77
N SER A 202 1.56 -12.14 8.86
CA SER A 202 2.91 -12.48 9.25
C SER A 202 3.90 -12.00 8.20
N GLY A 203 5.15 -12.42 8.33
CA GLY A 203 6.15 -11.99 7.36
C GLY A 203 6.58 -10.54 7.57
N VAL A 204 7.21 -9.99 6.54
CA VAL A 204 7.74 -8.64 6.59
C VAL A 204 6.73 -7.51 6.85
N ASN A 205 5.50 -7.64 6.37
CA ASN A 205 4.48 -6.60 6.59
C ASN A 205 3.32 -7.00 7.49
N LEU A 206 3.44 -8.14 8.16
CA LEU A 206 2.38 -8.63 9.04
C LEU A 206 1.05 -8.62 8.28
N GLY A 207 1.06 -9.33 7.15
CA GLY A 207 -0.12 -9.42 6.30
C GLY A 207 0.30 -9.11 4.87
N GLY A 208 -0.69 -9.00 3.98
CA GLY A 208 -0.41 -8.68 2.58
C GLY A 208 0.03 -9.82 1.66
N GLN A 209 0.04 -11.06 2.15
CA GLN A 209 0.51 -12.17 1.31
C GLN A 209 -0.55 -13.14 0.78
N ASN A 210 -1.77 -13.11 1.33
CA ASN A 210 -2.82 -14.02 0.89
C ASN A 210 -4.21 -13.40 0.94
N TYR A 211 -5.16 -14.03 0.24
CA TYR A 211 -6.54 -13.59 0.19
C TYR A 211 -7.37 -14.54 1.04
N TYR A 212 -8.41 -14.01 1.68
CA TYR A 212 -9.28 -14.81 2.54
C TYR A 212 -10.72 -14.36 2.37
N PRO A 213 -11.66 -15.32 2.50
CA PRO A 213 -13.10 -15.05 2.38
C PRO A 213 -13.68 -14.50 3.68
N PHE A 214 -12.93 -13.60 4.32
CA PHE A 214 -13.38 -12.97 5.56
C PHE A 214 -13.22 -11.46 5.39
N GLY A 215 -14.29 -10.71 5.66
CA GLY A 215 -14.23 -9.28 5.51
C GLY A 215 -15.11 -8.56 6.51
N LEU A 216 -14.85 -7.26 6.66
CA LEU A 216 -15.62 -6.43 7.59
C LEU A 216 -17.07 -6.26 7.15
N VAL A 217 -17.99 -6.38 8.11
CA VAL A 217 -19.41 -6.19 7.82
C VAL A 217 -19.99 -5.28 8.89
N ALA A 218 -20.95 -4.45 8.48
CA ALA A 218 -21.62 -3.54 9.41
C ALA A 218 -22.86 -4.25 9.91
N LYS A 219 -22.81 -4.77 11.14
CA LYS A 219 -23.93 -5.49 11.74
C LYS A 219 -25.28 -4.76 11.67
N LYS A 230 -16.10 -2.17 17.55
CA LYS A 230 -16.52 -3.44 18.14
C LYS A 230 -17.97 -3.71 17.82
N GLY A 231 -18.83 -3.38 18.80
CA GLY A 231 -20.26 -3.60 18.70
C GLY A 231 -21.05 -3.20 17.48
N ARG A 232 -20.45 -2.48 16.53
CA ARG A 232 -21.20 -2.10 15.34
C ARG A 232 -20.70 -2.83 14.10
N PHE A 233 -19.51 -3.40 14.18
CA PHE A 233 -18.93 -4.12 13.05
C PHE A 233 -18.47 -5.50 13.48
N SER A 234 -18.04 -6.28 12.48
CA SER A 234 -17.53 -7.62 12.72
C SER A 234 -16.92 -8.17 11.43
N VAL A 235 -16.09 -9.19 11.58
CA VAL A 235 -15.45 -9.82 10.44
C VAL A 235 -16.10 -11.19 10.31
N THR A 236 -16.74 -11.44 9.16
CA THR A 236 -17.38 -12.71 8.92
C THR A 236 -17.07 -13.27 7.54
N GLU A 237 -17.28 -14.57 7.39
CA GLU A 237 -17.01 -15.24 6.14
C GLU A 237 -18.01 -14.78 5.09
N THR A 238 -17.56 -14.62 3.84
CA THR A 238 -18.46 -14.21 2.78
C THR A 238 -19.31 -15.39 2.30
N ALA A 239 -20.51 -15.09 1.84
CA ALA A 239 -21.44 -16.13 1.36
C ALA A 239 -20.80 -16.94 0.26
N SER A 240 -20.70 -18.25 0.48
CA SER A 240 -20.09 -19.16 -0.47
C SER A 240 -18.66 -18.80 -0.80
N ASP A 241 -17.99 -18.05 0.09
CA ASP A 241 -16.60 -17.65 -0.15
C ASP A 241 -16.44 -17.04 -1.55
N GLU A 242 -17.51 -16.42 -2.04
CA GLU A 242 -17.52 -15.81 -3.37
C GLU A 242 -16.59 -14.59 -3.45
N TYR A 243 -16.58 -13.79 -2.39
CA TYR A 243 -15.73 -12.60 -2.34
C TYR A 243 -14.59 -12.81 -1.35
N VAL A 244 -13.41 -12.35 -1.72
CA VAL A 244 -12.27 -12.48 -0.82
C VAL A 244 -11.58 -11.14 -0.68
N PHE A 245 -10.81 -11.03 0.39
CA PHE A 245 -10.06 -9.83 0.70
C PHE A 245 -8.64 -10.23 1.05
N ARG A 246 -7.71 -9.33 0.79
CA ARG A 246 -6.33 -9.59 1.13
C ARG A 246 -6.16 -9.31 2.64
N ALA A 247 -5.44 -10.19 3.33
CA ALA A 247 -5.19 -9.97 4.76
C ALA A 247 -4.31 -8.72 4.79
N SER A 248 -4.79 -7.66 5.43
CA SER A 248 -4.06 -6.40 5.46
C SER A 248 -2.67 -6.42 6.08
N PRO A 249 -1.71 -5.79 5.40
CA PRO A 249 -0.34 -5.74 5.95
C PRO A 249 -0.58 -4.73 7.09
N LEU A 250 -0.17 -5.05 8.32
CA LEU A 250 -0.43 -4.15 9.44
C LEU A 250 0.67 -3.15 9.74
N ARG A 251 1.77 -3.24 9.01
CA ARG A 251 2.87 -2.33 9.21
C ARG A 251 2.37 -0.88 9.01
N ASN A 252 2.78 0.01 9.90
CA ASN A 252 2.38 1.43 9.87
C ASN A 252 0.88 1.62 10.02
N ILE A 253 0.19 0.68 10.64
CA ILE A 253 -1.26 0.82 10.77
C ILE A 253 -1.65 2.11 11.52
N GLU A 254 -0.76 2.58 12.38
CA GLU A 254 -0.97 3.81 13.14
C GLU A 254 -1.25 4.99 12.18
N LEU A 255 -0.58 4.98 11.04
CA LEU A 255 -0.73 6.05 10.05
C LEU A 255 -1.74 5.82 8.95
N THR A 256 -2.35 4.64 8.90
CA THR A 256 -3.25 4.37 7.77
C THR A 256 -4.75 4.26 7.97
N ALA A 257 -5.30 5.00 8.91
CA ALA A 257 -6.74 4.98 9.13
C ALA A 257 -7.30 5.76 7.95
N PRO A 258 -8.54 5.47 7.52
CA PRO A 258 -9.49 4.48 8.03
C PRO A 258 -9.16 3.06 7.55
N TYR A 259 -9.73 2.07 8.25
CA TYR A 259 -9.43 0.66 8.01
C TYR A 259 -10.42 -0.24 7.25
N PHE A 260 -9.87 -1.36 6.77
CA PHE A 260 -10.60 -2.39 6.03
C PHE A 260 -10.97 -1.97 4.61
N HIS A 261 -11.38 -2.95 3.80
CA HIS A 261 -11.73 -2.68 2.41
C HIS A 261 -12.69 -1.51 2.22
N SER A 262 -13.57 -1.29 3.19
CA SER A 262 -14.56 -0.23 3.11
C SER A 262 -14.11 1.08 3.75
N GLY A 263 -13.15 1.00 4.66
CA GLY A 263 -12.68 2.20 5.33
C GLY A 263 -13.72 2.69 6.33
N ALA A 264 -14.56 1.78 6.81
CA ALA A 264 -15.63 2.12 7.75
C ALA A 264 -15.19 2.24 9.19
N VAL A 265 -13.98 1.80 9.51
CA VAL A 265 -13.51 1.85 10.89
C VAL A 265 -12.30 2.76 11.06
N TRP A 266 -12.42 3.71 11.99
CA TRP A 266 -11.35 4.67 12.28
C TRP A 266 -10.55 4.31 13.51
N SER A 267 -11.16 3.53 14.38
CA SER A 267 -10.53 3.13 15.63
C SER A 267 -9.67 1.89 15.46
N LEU A 268 -8.41 1.98 15.88
CA LEU A 268 -7.48 0.86 15.80
C LEU A 268 -7.87 -0.24 16.79
N GLU A 269 -8.33 0.17 17.96
CA GLU A 269 -8.75 -0.77 18.99
C GLU A 269 -9.94 -1.61 18.50
N GLU A 270 -10.85 -0.95 17.79
CA GLU A 270 -12.01 -1.63 17.25
C GLU A 270 -11.62 -2.55 16.09
N ALA A 271 -10.64 -2.12 15.29
CA ALA A 271 -10.17 -2.92 14.17
C ALA A 271 -9.59 -4.24 14.72
N VAL A 272 -8.87 -4.13 15.84
CA VAL A 272 -8.29 -5.31 16.47
C VAL A 272 -9.39 -6.20 17.09
N ALA A 273 -10.36 -5.56 17.73
CA ALA A 273 -11.46 -6.26 18.39
C ALA A 273 -12.29 -7.13 17.44
N VAL A 274 -12.72 -6.56 16.32
CA VAL A 274 -13.54 -7.32 15.38
C VAL A 274 -12.82 -8.51 14.76
N MET A 275 -11.49 -8.54 14.86
CA MET A 275 -10.70 -9.65 14.30
C MET A 275 -10.49 -10.79 15.30
N GLY A 276 -10.97 -10.60 16.53
CA GLY A 276 -10.84 -11.65 17.53
C GLY A 276 -12.16 -12.41 17.53
N THR A 277 -12.19 -13.57 16.88
CA THR A 277 -13.44 -14.33 16.83
C THR A 277 -13.23 -15.81 17.06
N ALA A 278 -14.26 -16.47 17.58
CA ALA A 278 -14.22 -17.90 17.84
C ALA A 278 -13.99 -18.66 16.55
N GLN A 279 -14.73 -18.30 15.51
CA GLN A 279 -14.59 -18.98 14.24
C GLN A 279 -13.15 -18.97 13.73
N LEU A 280 -12.48 -17.83 13.86
CA LEU A 280 -11.09 -17.73 13.41
C LEU A 280 -10.14 -18.24 14.47
N GLY A 281 -10.67 -18.54 15.65
CA GLY A 281 -9.84 -19.03 16.75
C GLY A 281 -8.90 -17.96 17.25
N THR A 282 -9.38 -16.72 17.25
CA THR A 282 -8.60 -15.56 17.67
C THR A 282 -9.26 -14.76 18.80
N GLU A 283 -10.22 -15.38 19.48
CA GLU A 283 -10.96 -14.74 20.57
C GLU A 283 -10.06 -13.96 21.55
N LEU A 284 -10.46 -12.74 21.88
CA LEU A 284 -9.69 -11.88 22.79
C LEU A 284 -10.58 -11.20 23.82
N ASN A 285 -10.05 -10.93 25.01
CA ASN A 285 -10.82 -10.19 26.00
C ASN A 285 -10.38 -8.73 25.81
N ASN A 286 -11.02 -7.80 26.51
CA ASN A 286 -10.69 -6.39 26.34
C ASN A 286 -9.25 -5.99 26.68
N ASP A 287 -8.66 -6.60 27.69
CA ASP A 287 -7.28 -6.25 28.05
C ASP A 287 -6.31 -6.66 26.95
N GLU A 288 -6.52 -7.84 26.38
CA GLU A 288 -5.64 -8.35 25.33
C GLU A 288 -5.77 -7.50 24.07
N VAL A 289 -6.97 -7.01 23.80
CA VAL A 289 -7.19 -6.16 22.64
C VAL A 289 -6.29 -4.94 22.79
N LYS A 290 -6.29 -4.35 23.97
CA LYS A 290 -5.48 -3.16 24.23
C LYS A 290 -3.99 -3.46 24.19
N SER A 291 -3.59 -4.65 24.60
CA SER A 291 -2.17 -5.01 24.54
C SER A 291 -1.71 -5.14 23.09
N ILE A 292 -2.56 -5.72 22.24
CA ILE A 292 -2.22 -5.89 20.83
C ILE A 292 -2.15 -4.51 20.17
N VAL A 293 -3.08 -3.62 20.51
CA VAL A 293 -3.04 -2.28 19.95
C VAL A 293 -1.68 -1.65 20.27
N ALA A 294 -1.24 -1.79 21.51
CA ALA A 294 0.06 -1.24 21.94
C ALA A 294 1.16 -1.80 21.04
N PHE A 295 1.12 -3.10 20.80
CA PHE A 295 2.12 -3.75 19.94
C PHE A 295 2.06 -3.20 18.50
N LEU A 296 0.87 -3.14 17.92
CA LEU A 296 0.74 -2.66 16.54
C LEU A 296 1.27 -1.24 16.36
N LYS A 297 1.21 -0.44 17.42
CA LYS A 297 1.73 0.92 17.32
C LYS A 297 3.24 0.94 17.18
N THR A 298 3.91 -0.17 17.45
CA THR A 298 5.36 -0.23 17.33
C THR A 298 5.81 -0.56 15.90
N LEU A 299 4.86 -0.65 14.98
CA LEU A 299 5.15 -0.98 13.57
C LEU A 299 5.34 0.22 12.64
N THR A 300 5.29 1.43 13.21
CA THR A 300 5.46 2.66 12.43
C THR A 300 6.93 2.90 12.14
N GLY A 301 7.29 2.92 10.86
CA GLY A 301 8.68 3.13 10.49
C GLY A 301 8.97 4.55 10.08
N ASN A 302 10.16 4.80 9.55
CA ASN A 302 10.54 6.15 9.12
C ASN A 302 10.00 6.44 7.72
N VAL A 303 9.08 7.40 7.63
CA VAL A 303 8.54 7.76 6.32
C VAL A 303 9.71 8.32 5.52
N PRO A 304 9.87 7.89 4.26
CA PRO A 304 10.98 8.40 3.48
C PRO A 304 10.85 9.90 3.20
N GLU A 305 11.99 10.58 3.20
CA GLU A 305 12.05 12.01 2.95
C GLU A 305 11.79 12.22 1.47
N VAL A 306 10.92 13.16 1.14
CA VAL A 306 10.59 13.41 -0.25
C VAL A 306 10.76 14.87 -0.64
N THR A 307 11.57 15.12 -1.66
CA THR A 307 11.74 16.48 -2.17
C THR A 307 10.65 16.62 -3.25
N TYR A 308 9.71 17.52 -3.01
CA TYR A 308 8.60 17.75 -3.93
C TYR A 308 9.17 18.07 -5.29
N PRO A 309 8.77 17.32 -6.34
CA PRO A 309 9.28 17.58 -7.68
C PRO A 309 8.75 18.83 -8.36
N VAL A 310 9.62 19.51 -9.10
CA VAL A 310 9.22 20.69 -9.85
C VAL A 310 8.90 20.15 -11.24
N LEU A 311 7.63 20.20 -11.63
CA LEU A 311 7.24 19.66 -12.91
C LEU A 311 7.36 20.71 -14.01
N PRO A 312 7.46 20.29 -15.27
CA PRO A 312 7.58 21.24 -16.37
C PRO A 312 6.24 21.85 -16.77
N PRO A 313 6.27 23.07 -17.30
CA PRO A 313 5.02 23.74 -17.70
C PRO A 313 4.39 23.10 -18.92
N SER A 314 3.08 23.20 -19.00
CA SER A 314 2.35 22.67 -20.13
C SER A 314 2.76 23.47 -21.37
N THR A 315 2.49 22.92 -22.54
CA THR A 315 2.80 23.61 -23.79
C THR A 315 1.57 23.59 -24.66
N ALA A 316 1.67 24.20 -25.84
CA ALA A 316 0.56 24.24 -26.76
C ALA A 316 0.09 22.83 -27.11
N ASN A 317 1.01 21.86 -27.09
CA ASN A 317 0.63 20.49 -27.43
C ASN A 317 0.13 19.66 -26.26
N THR A 318 0.24 20.22 -25.05
CA THR A 318 -0.23 19.49 -23.88
C THR A 318 -1.75 19.42 -23.89
N PRO A 319 -2.32 18.21 -23.89
CA PRO A 319 -3.79 18.14 -23.90
C PRO A 319 -4.30 19.01 -22.75
N LYS A 320 -5.41 19.70 -22.96
CA LYS A 320 -5.95 20.56 -21.92
C LYS A 320 -6.89 19.84 -20.95
N PRO A 321 -6.98 20.36 -19.72
CA PRO A 321 -7.85 19.77 -18.68
C PRO A 321 -9.25 19.54 -19.22
N VAL A 322 -9.91 18.48 -18.78
CA VAL A 322 -11.27 18.21 -19.22
C VAL A 322 -12.29 18.59 -18.13
N ASP A 323 -13.21 19.46 -18.53
CA ASP A 323 -14.29 20.02 -17.70
C ASP A 323 -15.11 19.09 -16.80
N MET A 324 -15.71 19.68 -15.77
CA MET A 324 -16.55 18.95 -14.83
C MET A 324 -17.96 18.73 -15.35
N ILE A 325 -18.32 17.47 -15.55
CA ILE A 325 -19.64 17.10 -16.04
C ILE A 325 -19.93 15.67 -15.57
N PRO A 326 -20.57 15.54 -14.40
CA PRO A 326 -20.89 14.21 -13.86
C PRO A 326 -22.14 13.63 -14.49
FE HEC B . -3.60 3.69 -6.26
CHA HEC B . -4.17 0.69 -4.98
CHB HEC B . -0.26 3.01 -6.54
CHC HEC B . -3.20 6.33 -8.29
CHD HEC B . -6.70 4.71 -5.48
NA HEC B . -2.41 2.13 -5.79
C1A HEC B . -2.85 0.95 -5.26
C2A HEC B . -1.68 0.11 -5.02
C3A HEC B . -0.57 0.81 -5.34
C4A HEC B . -1.04 2.06 -5.93
CMA HEC B . 0.91 0.42 -5.19
CAA HEC B . -1.76 -1.30 -4.41
CBA HEC B . -1.21 -1.44 -2.98
CGA HEC B . -1.27 -2.86 -2.43
O1A HEC B . -0.50 -3.07 -1.45
O2A HEC B . -2.07 -3.68 -2.90
NB HEC B . -2.04 4.48 -7.25
C1B HEC B . -0.72 4.08 -7.24
C2B HEC B . 0.11 4.90 -8.08
C3B HEC B . -0.75 5.77 -8.66
C4B HEC B . -2.06 5.57 -8.10
CMB HEC B . 1.64 4.71 -8.28
CAB HEC B . -0.49 6.86 -9.72
CBB HEC B . -0.10 6.24 -11.10
NC HEC B . -4.75 5.25 -6.76
C1C HEC B . -4.40 6.27 -7.61
C2C HEC B . -5.43 7.31 -7.58
C3C HEC B . -6.39 6.89 -6.74
C4C HEC B . -5.97 5.59 -6.23
CMC HEC B . -5.30 8.64 -8.38
CAC HEC B . -7.67 7.61 -6.24
CBC HEC B . -8.72 8.12 -7.24
ND HEC B . -5.16 2.83 -5.42
C1D HEC B . -6.41 3.41 -5.15
C2D HEC B . -7.31 2.45 -4.54
C3D HEC B . -6.65 1.26 -4.51
C4D HEC B . -5.28 1.53 -4.97
CMD HEC B . -8.78 2.73 -4.08
CAD HEC B . -7.32 -0.07 -4.04
CBD HEC B . -7.42 -0.49 -5.51
CGD HEC B . -7.61 -1.16 -6.82
O1D HEC B . -6.43 -1.58 -6.91
O2D HEC B . -8.10 -0.39 -7.64
FE HEC C . -6.90 -9.47 10.48
CHA HEC C . -7.78 -6.88 8.53
CHB HEC C . -5.95 -7.32 12.93
CHC HEC C . -6.42 -12.05 12.62
CHD HEC C . -7.64 -11.62 8.04
NA HEC C . -6.86 -7.43 10.67
C1A HEC C . -7.28 -6.52 9.76
C2A HEC C . -7.09 -5.18 10.33
C3A HEC C . -6.57 -5.31 11.55
C4A HEC C . -6.41 -6.74 11.78
CMA HEC C . -6.18 -4.24 12.58
CAA HEC C . -7.44 -3.89 9.56
CBA HEC C . -6.12 -3.42 8.93
CGA HEC C . -6.18 -2.28 7.93
O1A HEC C . -5.07 -1.69 7.76
O2A HEC C . -7.24 -1.96 7.42
NB HEC C . -6.28 -9.66 12.39
C1B HEC C . -5.92 -8.65 13.26
C2B HEC C . -5.55 -9.15 14.58
C3B HEC C . -5.77 -10.49 14.53
C4B HEC C . -6.16 -10.80 13.18
CMB HEC C . -5.08 -8.31 15.77
CAB HEC C . -5.65 -11.50 15.70
CBB HEC C . -6.75 -11.35 16.77
NC HEC C . -6.98 -11.47 10.33
C1C HEC C . -6.74 -12.40 11.32
C2C HEC C . -6.85 -13.78 10.79
C3C HEC C . -7.12 -13.64 9.47
C4C HEC C . -7.25 -12.22 9.20
CMC HEC C . -6.64 -15.08 11.63
CAC HEC C . -7.25 -14.73 8.37
CBC HEC C . -8.43 -15.73 8.41
ND HEC C . -7.57 -9.29 8.64
C1D HEC C . -7.84 -10.31 7.72
C2D HEC C . -8.35 -9.78 6.46
C3D HEC C . -8.45 -8.43 6.62
C4D HEC C . -7.93 -8.13 7.95
CMD HEC C . -8.74 -10.57 5.20
CAD HEC C . -9.04 -7.42 5.63
CBD HEC C . -10.58 -7.36 5.82
CGD HEC C . -11.40 -6.35 5.07
O1D HEC C . -10.84 -5.50 4.38
O2D HEC C . -12.63 -6.30 5.27
C1 CIT D . -6.98 -1.69 3.61
O1 CIT D . -7.71 -1.15 4.39
O2 CIT D . -6.47 -1.31 2.69
C2 CIT D . -6.74 -3.17 4.01
C3 CIT D . -6.92 -4.33 2.98
O7 CIT D . -7.23 -5.53 3.75
C4 CIT D . -8.18 -4.27 2.07
C5 CIT D . -8.46 -5.41 1.08
O3 CIT D . -9.72 -5.43 0.65
O4 CIT D . -7.63 -6.08 0.50
C6 CIT D . -5.58 -4.54 2.33
O5 CIT D . -5.13 -5.71 2.35
O6 CIT D . -5.03 -3.57 1.69
C1 CIT E . -2.18 9.32 -12.09
O1 CIT E . -2.76 9.65 -11.09
O2 CIT E . -1.12 9.38 -12.32
C2 CIT E . -3.09 8.74 -13.20
C3 CIT E . -4.60 8.38 -13.02
O7 CIT E . -4.78 7.93 -11.65
C4 CIT E . -5.49 9.64 -13.07
C5 CIT E . -6.96 9.38 -12.75
O3 CIT E . -7.47 9.15 -11.70
O4 CIT E . -7.73 9.57 -13.81
C6 CIT E . -5.04 7.35 -14.05
O5 CIT E . -5.66 6.34 -13.58
O6 CIT E . -5.17 7.72 -15.27
C1 CIT F . -5.57 1.95 23.16
O1 CIT F . -5.98 0.94 23.35
O2 CIT F . -4.45 2.37 23.26
C2 CIT F . -6.49 3.17 22.86
C3 CIT F . -6.39 3.98 21.52
O7 CIT F . -5.49 3.38 20.54
C4 CIT F . -7.85 4.05 20.99
C5 CIT F . -8.17 3.71 19.55
O3 CIT F . -9.43 3.96 19.24
O4 CIT F . -7.64 2.83 18.93
C6 CIT F . -5.90 5.36 21.92
O5 CIT F . -6.56 5.97 22.84
O6 CIT F . -4.71 5.67 21.60
C1 CIT G . -16.95 -25.78 11.03
O1 CIT G . -17.31 -26.77 11.60
O2 CIT G . -16.38 -24.93 11.43
C2 CIT G . -17.35 -25.89 9.51
C3 CIT G . -17.90 -24.74 8.62
O7 CIT G . -18.85 -23.93 9.39
C4 CIT G . -16.68 -23.81 8.35
C5 CIT G . -16.84 -22.50 7.60
O3 CIT G . -15.72 -21.80 7.56
O4 CIT G . -17.77 -22.13 6.93
C6 CIT G . -18.60 -25.27 7.36
O5 CIT G . -18.09 -26.26 6.72
O6 CIT G . -19.57 -24.61 6.86
#